data_4V0S
#
_entry.id   4V0S
#
_cell.length_a   38.848
_cell.length_b   65.187
_cell.length_c   94.755
_cell.angle_alpha   90.00
_cell.angle_beta   90.00
_cell.angle_gamma   90.00
#
_symmetry.space_group_name_H-M   'P 2 21 21'
#
loop_
_entity.id
_entity.type
_entity.pdbx_description
1 polymer '3-DEHYDROQUINATE DEHYDRATASE'
2 non-polymer '(1R,2S,4S,5R)-2-(2,3,4,5,6-pentafluorophenyl)methyl-1,4,5-trihydroxy-3-oxocyclohexane-1-carboxylic acid'
3 non-polymer '3,4-DIHYDROXY-2-[(2,3,4,5,6-PENTAFLUOROPHENYL)METHYL]BENZOIC ACID'
4 non-polymer 'CHLORIDE ION'
5 non-polymer 'SODIUM ION'
6 water water
#
_entity_poly.entity_id   1
_entity_poly.type   'polypeptide(L)'
_entity_poly.pdbx_seq_one_letter_code
;SELIVNVINGPNLGRLGRREPAVYGGTTHDELVALIEREAAELGLKAVVRQSDSEAQLLDWIHQAADAAEPVILNAGGLT
HTSVALRNACAELSAPLIEVHISNVHAREEFRRHSYLSPIATGVIVGLGIQGYLLALRYLAEHVGT
;
_entity_poly.pdbx_strand_id   A,B
#
# COMPACT_ATOMS: atom_id res chain seq x y z
N SER A 1 -24.20 1.28 -12.15
CA SER A 1 -23.83 -0.17 -12.12
C SER A 1 -22.62 -0.37 -11.19
N GLU A 2 -22.44 -1.58 -10.69
CA GLU A 2 -21.35 -1.89 -9.79
C GLU A 2 -20.05 -1.90 -10.56
N LEU A 3 -19.01 -1.39 -9.92
CA LEU A 3 -17.72 -1.23 -10.55
C LEU A 3 -16.99 -2.57 -10.67
N ILE A 4 -16.63 -2.95 -11.89
CA ILE A 4 -15.87 -4.15 -12.11
C ILE A 4 -14.40 -3.91 -11.84
N VAL A 5 -13.83 -4.75 -10.98
CA VAL A 5 -12.41 -4.69 -10.62
C VAL A 5 -11.81 -6.07 -10.88
N ASN A 6 -10.72 -6.09 -11.64
CA ASN A 6 -10.05 -7.31 -11.92
C ASN A 6 -8.88 -7.48 -10.95
N VAL A 7 -8.83 -8.63 -10.32
CA VAL A 7 -7.82 -8.96 -9.33
C VAL A 7 -7.08 -10.18 -9.90
N ILE A 8 -5.82 -9.97 -10.25
CA ILE A 8 -5.04 -10.92 -11.02
C ILE A 8 -3.84 -11.36 -10.20
N ASN A 9 -3.73 -12.68 -10.01
CA ASN A 9 -2.65 -13.28 -9.24
C ASN A 9 -1.81 -14.15 -10.16
N GLY A 10 -0.49 -13.94 -10.10
CA GLY A 10 0.43 -14.64 -10.99
C GLY A 10 1.04 -15.88 -10.37
N PRO A 11 2.12 -16.37 -10.97
CA PRO A 11 2.78 -17.63 -10.56
C PRO A 11 3.12 -17.68 -9.05
N ASN A 12 2.86 -18.84 -8.46
CA ASN A 12 3.11 -19.19 -7.04
C ASN A 12 1.86 -19.01 -6.21
N LEU A 13 0.97 -18.10 -6.64
CA LEU A 13 -0.19 -17.75 -5.80
C LEU A 13 -1.21 -18.85 -5.73
N GLY A 14 -1.15 -19.77 -6.70
CA GLY A 14 -1.96 -20.98 -6.71
C GLY A 14 -1.74 -21.84 -5.47
N ARG A 15 -0.53 -21.75 -4.90
CA ARG A 15 -0.13 -22.50 -3.71
C ARG A 15 -0.38 -21.75 -2.42
N LEU A 16 -0.98 -20.57 -2.51
CA LEU A 16 -1.30 -19.77 -1.33
C LEU A 16 -2.05 -20.62 -0.28
N GLY A 17 -1.58 -20.55 0.96
CA GLY A 17 -2.25 -21.28 2.02
C GLY A 17 -1.72 -22.69 2.19
N ARG A 18 -1.08 -23.22 1.15
CA ARG A 18 -0.56 -24.59 1.16
C ARG A 18 0.93 -24.54 1.35
N ARG A 19 1.60 -23.70 0.55
CA ARG A 19 3.02 -23.50 0.67
C ARG A 19 3.35 -22.43 1.72
N GLU A 20 4.24 -22.80 2.63
CA GLU A 20 4.76 -21.87 3.65
C GLU A 20 3.68 -21.00 4.28
N PRO A 21 2.66 -21.65 4.87
CA PRO A 21 1.61 -20.88 5.57
C PRO A 21 2.09 -20.03 6.72
N ALA A 22 3.22 -20.39 7.29
CA ALA A 22 3.79 -19.57 8.38
C ALA A 22 4.40 -18.27 7.84
N VAL A 23 4.58 -18.16 6.53
CA VAL A 23 5.15 -16.96 5.91
C VAL A 23 4.08 -16.15 5.17
N TYR A 24 3.24 -16.82 4.37
CA TYR A 24 2.27 -16.11 3.51
C TYR A 24 0.83 -16.27 3.97
N GLY A 25 0.66 -16.98 5.08
CA GLY A 25 -0.66 -17.14 5.67
C GLY A 25 -1.31 -18.44 5.32
N GLY A 26 -2.32 -18.79 6.09
CA GLY A 26 -3.06 -20.04 5.91
C GLY A 26 -4.21 -20.00 4.92
N THR A 27 -4.58 -18.81 4.44
CA THR A 27 -5.72 -18.65 3.56
C THR A 27 -5.36 -19.12 2.15
N THR A 28 -6.18 -20.01 1.60
CA THR A 28 -5.94 -20.52 0.26
C THR A 28 -6.45 -19.54 -0.76
N HIS A 29 -6.01 -19.76 -2.00
CA HIS A 29 -6.45 -18.91 -3.06
C HIS A 29 -7.97 -18.95 -3.24
N ASP A 30 -8.59 -20.12 -3.13
CA ASP A 30 -10.03 -20.22 -3.20
C ASP A 30 -10.70 -19.36 -2.12
N GLU A 31 -10.20 -19.46 -0.89
CA GLU A 31 -10.76 -18.63 0.17
C GLU A 31 -10.52 -17.15 -0.07
N LEU A 32 -9.33 -16.81 -0.60
CA LEU A 32 -9.05 -15.42 -0.93
C LEU A 32 -10.07 -14.85 -1.95
N VAL A 33 -10.36 -15.64 -2.98
CA VAL A 33 -11.34 -15.25 -4.00
C VAL A 33 -12.67 -14.94 -3.33
N ALA A 34 -13.12 -15.83 -2.46
CA ALA A 34 -14.41 -15.64 -1.78
C ALA A 34 -14.44 -14.40 -0.88
N LEU A 35 -13.35 -14.18 -0.14
CA LEU A 35 -13.23 -13.04 0.75
C LEU A 35 -13.24 -11.75 -0.07
N ILE A 36 -12.46 -11.71 -1.16
CA ILE A 36 -12.41 -10.51 -2.02
C ILE A 36 -13.79 -10.22 -2.64
N GLU A 37 -14.46 -11.27 -3.12
CA GLU A 37 -15.78 -11.12 -3.74
C GLU A 37 -16.78 -10.56 -2.74
N ARG A 38 -16.74 -11.07 -1.52
CA ARG A 38 -17.65 -10.61 -0.47
C ARG A 38 -17.42 -9.13 -0.14
N GLU A 39 -16.16 -8.78 0.11
CA GLU A 39 -15.85 -7.43 0.50
C GLU A 39 -16.10 -6.45 -0.65
N ALA A 40 -15.77 -6.85 -1.88
CA ALA A 40 -16.10 -5.99 -3.01
C ALA A 40 -17.59 -5.73 -3.09
N ALA A 41 -18.39 -6.79 -3.00
CA ALA A 41 -19.84 -6.68 -3.08
C ALA A 41 -20.37 -5.71 -2.02
N GLU A 42 -19.79 -5.76 -0.81
CA GLU A 42 -20.20 -4.82 0.27
C GLU A 42 -19.96 -3.36 -0.11
N LEU A 43 -18.92 -3.13 -0.90
CA LEU A 43 -18.54 -1.79 -1.37
C LEU A 43 -19.19 -1.36 -2.68
N GLY A 44 -20.02 -2.21 -3.26
CA GLY A 44 -20.63 -1.93 -4.56
C GLY A 44 -19.76 -2.22 -5.75
N LEU A 45 -18.78 -3.11 -5.54
CA LEU A 45 -17.85 -3.50 -6.59
C LEU A 45 -18.10 -4.95 -6.99
N LYS A 46 -17.79 -5.28 -8.23
CA LYS A 46 -17.80 -6.68 -8.67
C LYS A 46 -16.36 -7.10 -8.91
N ALA A 47 -15.84 -7.98 -8.05
CA ALA A 47 -14.45 -8.42 -8.20
C ALA A 47 -14.41 -9.66 -9.07
N VAL A 48 -13.54 -9.61 -10.07
CA VAL A 48 -13.26 -10.74 -10.91
C VAL A 48 -11.85 -11.18 -10.51
N VAL A 49 -11.76 -12.27 -9.76
CA VAL A 49 -10.51 -12.69 -9.09
C VAL A 49 -9.99 -13.97 -9.74
N ARG A 50 -8.79 -13.90 -10.31
CA ARG A 50 -8.23 -15.02 -11.03
C ARG A 50 -6.75 -15.20 -10.76
N GLN A 51 -6.30 -16.44 -10.87
CA GLN A 51 -4.91 -16.80 -10.73
C GLN A 51 -4.46 -17.59 -11.96
N SER A 52 -3.23 -17.33 -12.40
CA SER A 52 -2.62 -18.18 -13.43
C SER A 52 -1.12 -18.23 -13.27
N ASP A 53 -0.52 -19.37 -13.61
CA ASP A 53 0.95 -19.50 -13.65
C ASP A 53 1.52 -19.15 -15.03
N SER A 54 0.64 -18.83 -15.96
CA SER A 54 0.99 -18.56 -17.33
C SER A 54 1.09 -17.05 -17.57
N GLU A 55 2.28 -16.60 -17.96
CA GLU A 55 2.45 -15.20 -18.37
C GLU A 55 1.45 -14.82 -19.47
N ALA A 56 1.27 -15.70 -20.46
CA ALA A 56 0.41 -15.40 -21.59
C ALA A 56 -1.04 -15.14 -21.10
N GLN A 57 -1.51 -15.95 -20.16
CA GLN A 57 -2.88 -15.77 -19.64
C GLN A 57 -2.99 -14.44 -18.89
N LEU A 58 -1.97 -14.11 -18.10
CA LEU A 58 -1.97 -12.82 -17.37
C LEU A 58 -2.01 -11.66 -18.37
N LEU A 59 -1.21 -11.72 -19.44
CA LEU A 59 -1.19 -10.63 -20.42
C LEU A 59 -2.56 -10.46 -21.08
N ASP A 60 -3.14 -11.61 -21.36
CA ASP A 60 -4.45 -11.71 -22.01
CA ASP A 60 -4.45 -11.73 -21.99
C ASP A 60 -5.52 -11.02 -21.15
N TRP A 61 -5.52 -11.30 -19.85
CA TRP A 61 -6.43 -10.62 -18.94
C TRP A 61 -6.15 -9.12 -18.84
N ILE A 62 -4.86 -8.74 -18.72
CA ILE A 62 -4.52 -7.33 -18.64
C ILE A 62 -4.97 -6.59 -19.88
N HIS A 63 -4.77 -7.19 -21.05
CA HIS A 63 -5.18 -6.52 -22.28
C HIS A 63 -6.69 -6.25 -22.31
N GLN A 64 -7.49 -7.18 -21.79
CA GLN A 64 -8.91 -6.98 -21.74
C GLN A 64 -9.29 -5.89 -20.75
N ALA A 65 -8.64 -5.88 -19.59
CA ALA A 65 -8.84 -4.77 -18.65
C ALA A 65 -8.43 -3.40 -19.26
N ALA A 66 -7.38 -3.41 -20.07
CA ALA A 66 -6.95 -2.16 -20.70
C ALA A 66 -8.02 -1.63 -21.64
N ASP A 67 -8.54 -2.51 -22.49
CA ASP A 67 -9.50 -2.08 -23.47
C ASP A 67 -10.79 -1.64 -22.81
N ALA A 68 -11.12 -2.28 -21.68
CA ALA A 68 -12.38 -2.01 -21.01
C ALA A 68 -12.29 -0.90 -20.00
N ALA A 69 -11.09 -0.34 -19.84
CA ALA A 69 -10.83 0.71 -18.83
C ALA A 69 -11.35 0.29 -17.45
N GLU A 70 -11.05 -0.97 -17.07
CA GLU A 70 -11.40 -1.49 -15.76
C GLU A 70 -10.17 -1.46 -14.87
N PRO A 71 -10.34 -1.10 -13.58
CA PRO A 71 -9.18 -1.17 -12.70
C PRO A 71 -8.66 -2.59 -12.54
N VAL A 72 -7.39 -2.69 -12.18
CA VAL A 72 -6.67 -3.93 -11.91
C VAL A 72 -5.95 -3.82 -10.57
N ILE A 73 -6.08 -4.89 -9.77
CA ILE A 73 -5.23 -5.15 -8.63
C ILE A 73 -4.40 -6.37 -9.08
N LEU A 74 -3.09 -6.20 -9.10
CA LEU A 74 -2.16 -7.16 -9.65
C LEU A 74 -1.14 -7.59 -8.61
N ASN A 75 -1.07 -8.89 -8.35
CA ASN A 75 0.03 -9.48 -7.61
C ASN A 75 0.70 -10.44 -8.57
N ALA A 76 1.79 -9.99 -9.18
CA ALA A 76 2.46 -10.74 -10.23
C ALA A 76 3.16 -11.98 -9.74
N GLY A 77 3.25 -12.17 -8.43
CA GLY A 77 3.89 -13.34 -7.88
C GLY A 77 5.31 -13.48 -8.40
N GLY A 78 5.62 -14.70 -8.89
CA GLY A 78 6.94 -15.02 -9.39
C GLY A 78 7.42 -14.19 -10.59
N LEU A 79 6.51 -13.49 -11.25
CA LEU A 79 6.85 -12.64 -12.39
C LEU A 79 7.19 -11.19 -12.03
N THR A 80 7.10 -10.86 -10.75
CA THR A 80 7.20 -9.50 -10.28
C THR A 80 8.50 -8.83 -10.71
N HIS A 81 9.61 -9.56 -10.57
CA HIS A 81 10.94 -9.05 -10.92
C HIS A 81 11.48 -9.63 -12.23
N THR A 82 10.63 -10.29 -13.03
CA THR A 82 11.12 -10.92 -14.26
C THR A 82 10.42 -10.54 -15.58
N SER A 83 9.11 -10.36 -15.54
CA SER A 83 8.34 -10.20 -16.78
C SER A 83 8.26 -8.74 -17.25
N VAL A 84 9.03 -8.41 -18.28
CA VAL A 84 8.92 -7.10 -18.91
C VAL A 84 7.61 -7.00 -19.72
N ALA A 85 7.11 -8.14 -20.20
CA ALA A 85 5.91 -8.13 -20.98
C ALA A 85 4.76 -7.67 -20.11
N LEU A 86 4.72 -8.09 -18.84
CA LEU A 86 3.68 -7.64 -17.92
CA LEU A 86 3.64 -7.62 -17.94
C LEU A 86 3.74 -6.11 -17.74
N ARG A 87 4.96 -5.63 -17.50
CA ARG A 87 5.17 -4.17 -17.40
C ARG A 87 4.64 -3.46 -18.62
N ASN A 88 5.03 -3.96 -19.79
CA ASN A 88 4.64 -3.33 -21.04
C ASN A 88 3.12 -3.34 -21.23
N ALA A 89 2.47 -4.45 -20.86
CA ALA A 89 1.02 -4.56 -21.00
C ALA A 89 0.29 -3.64 -20.02
N CYS A 90 0.81 -3.56 -18.81
CA CYS A 90 0.21 -2.71 -17.79
C CYS A 90 0.35 -1.24 -18.08
N ALA A 91 1.46 -0.87 -18.73
CA ALA A 91 1.64 0.52 -19.20
C ALA A 91 0.50 1.02 -20.11
N GLU A 92 -0.27 0.07 -20.65
CA GLU A 92 -1.39 0.41 -21.54
CA GLU A 92 -1.41 0.35 -21.55
C GLU A 92 -2.76 0.51 -20.85
N LEU A 93 -2.80 0.23 -19.55
CA LEU A 93 -4.03 0.38 -18.79
C LEU A 93 -4.46 1.84 -18.73
N SER A 94 -5.77 2.08 -18.77
CA SER A 94 -6.32 3.46 -18.68
C SER A 94 -7.31 3.63 -17.54
N ALA A 95 -7.14 2.81 -16.53
CA ALA A 95 -7.80 2.96 -15.24
C ALA A 95 -6.73 2.58 -14.23
N PRO A 96 -6.97 2.80 -12.94
CA PRO A 96 -5.93 2.55 -11.97
C PRO A 96 -5.42 1.13 -11.94
N LEU A 97 -4.13 1.02 -11.62
CA LEU A 97 -3.47 -0.25 -11.36
C LEU A 97 -2.89 -0.18 -9.97
N ILE A 98 -3.30 -1.11 -9.10
CA ILE A 98 -2.78 -1.23 -7.74
CA ILE A 98 -2.70 -1.20 -7.78
C ILE A 98 -1.96 -2.53 -7.68
N GLU A 99 -0.67 -2.41 -7.43
CA GLU A 99 0.17 -3.59 -7.22
C GLU A 99 0.03 -4.01 -5.76
N VAL A 100 -0.13 -5.31 -5.51
CA VAL A 100 -0.26 -5.84 -4.14
C VAL A 100 0.65 -7.02 -4.00
N HIS A 101 1.40 -7.05 -2.91
CA HIS A 101 2.14 -8.24 -2.46
C HIS A 101 1.79 -8.56 -1.04
N ILE A 102 1.66 -9.85 -0.76
CA ILE A 102 1.29 -10.35 0.57
C ILE A 102 2.40 -10.03 1.56
N SER A 103 3.62 -10.35 1.15
CA SER A 103 4.82 -10.18 1.98
C SER A 103 5.49 -8.88 1.59
N ASN A 104 6.38 -8.40 2.46
CA ASN A 104 7.15 -7.21 2.19
C ASN A 104 8.36 -7.59 1.37
N VAL A 105 8.17 -7.48 0.06
CA VAL A 105 9.19 -7.82 -0.93
C VAL A 105 10.49 -7.06 -0.72
N HIS A 106 10.41 -5.90 -0.05
CA HIS A 106 11.59 -5.06 0.18
C HIS A 106 12.57 -5.65 1.20
N ALA A 107 12.09 -6.55 2.06
CA ALA A 107 12.96 -7.24 3.01
C ALA A 107 13.79 -8.35 2.31
N HIS A 114 12.87 -4.81 -6.59
CA HIS A 114 12.92 -4.02 -7.81
C HIS A 114 11.84 -4.47 -8.81
N SER A 115 10.60 -4.49 -8.33
CA SER A 115 9.43 -4.74 -9.16
C SER A 115 9.41 -3.89 -10.41
N TYR A 116 9.20 -4.52 -11.57
CA TYR A 116 9.03 -3.78 -12.83
C TYR A 116 7.75 -2.96 -12.83
N LEU A 117 6.79 -3.37 -12.01
CA LEU A 117 5.43 -2.84 -12.03
CA LEU A 117 5.44 -2.78 -12.09
C LEU A 117 5.30 -1.53 -11.24
N SER A 118 6.01 -1.45 -10.13
CA SER A 118 5.81 -0.35 -9.20
C SER A 118 5.90 1.04 -9.83
N PRO A 119 6.88 1.26 -10.72
CA PRO A 119 6.99 2.61 -11.33
C PRO A 119 5.81 3.04 -12.21
N ILE A 120 5.02 2.07 -12.67
CA ILE A 120 3.91 2.38 -13.59
C ILE A 120 2.54 2.11 -12.95
N ALA A 121 2.53 1.63 -11.72
CA ALA A 121 1.29 1.47 -11.02
C ALA A 121 0.82 2.83 -10.47
N THR A 122 -0.48 2.92 -10.22
CA THR A 122 -1.02 4.05 -9.50
C THR A 122 -0.44 4.06 -8.09
N GLY A 123 -0.45 2.90 -7.46
CA GLY A 123 0.12 2.74 -6.12
C GLY A 123 0.39 1.29 -5.81
N VAL A 124 0.91 1.05 -4.62
CA VAL A 124 1.47 -0.24 -4.23
C VAL A 124 1.16 -0.48 -2.77
N ILE A 125 0.76 -1.70 -2.45
CA ILE A 125 0.57 -2.15 -1.07
C ILE A 125 1.34 -3.45 -0.91
N VAL A 126 2.33 -3.47 -0.02
CA VAL A 126 3.09 -4.69 0.25
C VAL A 126 3.18 -4.94 1.74
N GLY A 127 3.25 -6.21 2.09
CA GLY A 127 3.55 -6.63 3.46
C GLY A 127 2.37 -6.70 4.40
N LEU A 128 1.19 -6.33 3.90
CA LEU A 128 0.01 -6.27 4.77
C LEU A 128 -0.86 -7.51 4.67
N GLY A 129 -0.30 -8.60 4.13
CA GLY A 129 -1.01 -9.85 4.10
C GLY A 129 -2.11 -9.81 3.07
N ILE A 130 -3.02 -10.75 3.20
CA ILE A 130 -4.17 -10.74 2.29
C ILE A 130 -5.06 -9.52 2.45
N GLN A 131 -5.04 -8.87 3.60
CA GLN A 131 -5.78 -7.64 3.77
C GLN A 131 -5.40 -6.57 2.73
N GLY A 132 -4.16 -6.62 2.23
CA GLY A 132 -3.74 -5.69 1.18
C GLY A 132 -4.69 -5.62 -0.01
N TYR A 133 -5.24 -6.80 -0.41
CA TYR A 133 -6.20 -6.81 -1.49
C TYR A 133 -7.48 -6.01 -1.15
N LEU A 134 -7.93 -6.17 0.08
CA LEU A 134 -9.12 -5.50 0.55
C LEU A 134 -8.91 -4.00 0.67
N LEU A 135 -7.71 -3.62 1.10
CA LEU A 135 -7.40 -2.21 1.18
C LEU A 135 -7.34 -1.61 -0.22
N ALA A 136 -6.78 -2.34 -1.19
CA ALA A 136 -6.85 -1.88 -2.57
C ALA A 136 -8.28 -1.70 -3.09
N LEU A 137 -9.17 -2.62 -2.76
CA LEU A 137 -10.59 -2.45 -3.11
C LEU A 137 -11.16 -1.16 -2.56
N ARG A 138 -10.84 -0.87 -1.32
CA ARG A 138 -11.41 0.31 -0.65
C ARG A 138 -10.90 1.59 -1.32
N TYR A 139 -9.63 1.59 -1.73
CA TYR A 139 -9.11 2.71 -2.52
C TYR A 139 -9.89 2.88 -3.82
N LEU A 140 -10.08 1.78 -4.54
CA LEU A 140 -10.75 1.88 -5.81
C LEU A 140 -12.20 2.33 -5.68
N ALA A 141 -12.86 1.86 -4.63
CA ALA A 141 -14.26 2.24 -4.39
C ALA A 141 -14.40 3.74 -4.23
N GLU A 142 -13.38 4.37 -3.64
CA GLU A 142 -13.41 5.82 -3.41
C GLU A 142 -12.83 6.65 -4.58
N HIS A 143 -12.09 6.02 -5.48
CA HIS A 143 -11.34 6.76 -6.54
C HIS A 143 -11.73 6.45 -7.97
N VAL A 144 -12.66 5.54 -8.16
CA VAL A 144 -13.18 5.23 -9.49
C VAL A 144 -14.69 5.23 -9.42
N GLY A 145 -15.31 5.92 -10.35
CA GLY A 145 -16.75 6.12 -10.33
C GLY A 145 -17.43 5.19 -11.28
N THR A 146 -18.77 5.19 -11.19
CA THR A 146 -19.68 4.31 -11.94
C THR A 146 -20.71 5.13 -12.72
N GLU B 2 -7.76 1.02 24.82
CA GLU B 2 -7.68 0.62 23.38
C GLU B 2 -6.28 0.83 22.80
N LEU B 3 -6.10 0.40 21.55
CA LEU B 3 -4.81 0.53 20.88
C LEU B 3 -4.53 1.99 20.58
N ILE B 4 -3.29 2.41 20.86
CA ILE B 4 -2.81 3.73 20.46
C ILE B 4 -1.87 3.59 19.30
N VAL B 5 -2.22 4.26 18.21
CA VAL B 5 -1.43 4.29 17.00
C VAL B 5 -0.80 5.68 16.81
N ASN B 6 0.48 5.67 16.50
CA ASN B 6 1.20 6.90 16.21
C ASN B 6 1.35 7.11 14.73
N VAL B 7 0.80 8.19 14.25
CA VAL B 7 1.02 8.59 12.89
C VAL B 7 2.08 9.69 12.98
N ILE B 8 3.22 9.49 12.28
CA ILE B 8 4.31 10.43 12.32
C ILE B 8 4.60 10.89 10.91
N ASN B 9 4.54 12.20 10.72
CA ASN B 9 4.79 12.84 9.43
C ASN B 9 6.01 13.72 9.48
N GLY B 10 6.85 13.57 8.48
CA GLY B 10 8.12 14.25 8.47
C GLY B 10 8.11 15.53 7.66
N PRO B 11 9.30 15.98 7.28
CA PRO B 11 9.39 17.23 6.59
C PRO B 11 8.63 17.27 5.28
N ASN B 12 8.06 18.45 5.05
CA ASN B 12 7.21 18.83 3.94
C ASN B 12 5.73 18.62 4.25
N LEU B 13 5.41 17.66 5.13
CA LEU B 13 4.00 17.29 5.30
C LEU B 13 3.18 18.36 6.01
N GLY B 14 3.84 19.26 6.74
CA GLY B 14 3.14 20.37 7.33
C GLY B 14 2.59 21.35 6.31
N ARG B 15 3.12 21.29 5.08
CA ARG B 15 2.66 22.09 3.96
C ARG B 15 1.62 21.40 3.10
N LEU B 16 1.16 20.23 3.54
CA LEU B 16 0.12 19.51 2.83
C LEU B 16 -1.08 20.42 2.61
N GLY B 17 -1.63 20.42 1.40
CA GLY B 17 -2.78 21.26 1.06
C GLY B 17 -2.44 22.71 0.71
N ARG B 18 -1.20 23.13 0.97
CA ARG B 18 -0.74 24.46 0.65
C ARG B 18 0.31 24.38 -0.46
N ARG B 19 1.18 23.38 -0.41
CA ARG B 19 2.21 23.18 -1.42
C ARG B 19 1.76 22.20 -2.51
N GLU B 20 1.78 22.66 -3.76
CA GLU B 20 1.40 21.85 -4.95
C GLU B 20 0.14 21.02 -4.75
N PRO B 21 -0.99 21.68 -4.44
CA PRO B 21 -2.20 20.91 -4.12
C PRO B 21 -2.66 20.04 -5.31
N ALA B 22 -2.28 20.44 -6.52
CA ALA B 22 -2.63 19.67 -7.70
C ALA B 22 -1.91 18.32 -7.77
N VAL B 23 -0.85 18.15 -6.96
CA VAL B 23 -0.05 16.92 -6.89
C VAL B 23 -0.34 16.10 -5.62
N TYR B 24 -0.32 16.76 -4.46
CA TYR B 24 -0.45 16.06 -3.17
C TYR B 24 -1.85 16.19 -2.55
N GLY B 25 -2.71 16.99 -3.17
CA GLY B 25 -4.09 17.15 -2.70
C GLY B 25 -4.34 18.50 -2.03
N GLY B 26 -5.63 18.86 -1.92
CA GLY B 26 -6.02 20.10 -1.25
C GLY B 26 -6.24 19.99 0.28
N THR B 27 -6.21 18.78 0.84
CA THR B 27 -6.42 18.55 2.26
C THR B 27 -5.18 18.95 3.05
N THR B 28 -5.36 19.78 4.06
CA THR B 28 -4.23 20.24 4.85
C THR B 28 -3.82 19.19 5.88
N HIS B 29 -2.63 19.35 6.47
CA HIS B 29 -2.23 18.45 7.52
C HIS B 29 -3.22 18.48 8.70
N ASP B 30 -3.65 19.67 9.09
CA ASP B 30 -4.63 19.80 10.15
C ASP B 30 -5.91 19.01 9.80
N GLU B 31 -6.40 19.13 8.58
CA GLU B 31 -7.58 18.37 8.14
C GLU B 31 -7.29 16.86 8.14
N LEU B 32 -6.11 16.47 7.70
CA LEU B 32 -5.69 15.06 7.76
C LEU B 32 -5.77 14.51 9.18
N VAL B 33 -5.29 15.29 10.15
CA VAL B 33 -5.41 14.85 11.53
C VAL B 33 -6.87 14.48 11.92
N ALA B 34 -7.79 15.35 11.58
CA ALA B 34 -9.23 15.14 11.89
C ALA B 34 -9.75 13.90 11.17
N LEU B 35 -9.35 13.69 9.92
CA LEU B 35 -9.80 12.51 9.14
C LEU B 35 -9.29 11.23 9.78
N ILE B 36 -8.05 11.27 10.21
CA ILE B 36 -7.43 10.15 10.85
C ILE B 36 -8.13 9.89 12.19
N GLU B 37 -8.39 10.96 12.93
CA GLU B 37 -9.04 10.84 14.25
C GLU B 37 -10.45 10.25 14.16
N ARG B 38 -11.21 10.70 13.18
CA ARG B 38 -12.54 10.19 12.90
C ARG B 38 -12.49 8.70 12.58
N GLU B 39 -11.60 8.31 11.68
CA GLU B 39 -11.46 6.90 11.32
C GLU B 39 -11.00 6.02 12.50
N ALA B 40 -10.10 6.54 13.32
CA ALA B 40 -9.69 5.79 14.50
C ALA B 40 -10.86 5.60 15.48
N ALA B 41 -11.68 6.63 15.68
CA ALA B 41 -12.89 6.55 16.52
C ALA B 41 -13.79 5.44 16.01
N GLU B 42 -14.08 5.50 14.72
CA GLU B 42 -14.87 4.47 14.05
C GLU B 42 -14.34 3.04 14.24
N LEU B 43 -13.02 2.86 14.26
CA LEU B 43 -12.37 1.56 14.32
C LEU B 43 -12.05 1.07 15.73
N GLY B 44 -12.21 1.94 16.71
CA GLY B 44 -11.97 1.57 18.11
C GLY B 44 -10.53 1.68 18.57
N LEU B 45 -9.79 2.56 17.87
CA LEU B 45 -8.39 2.83 18.10
C LEU B 45 -8.27 4.27 18.60
N LYS B 46 -7.15 4.58 19.25
CA LYS B 46 -6.79 5.97 19.48
C LYS B 46 -5.60 6.28 18.56
N ALA B 47 -5.62 7.43 17.90
CA ALA B 47 -4.52 7.84 17.03
C ALA B 47 -3.92 9.16 17.51
N VAL B 48 -2.60 9.21 17.57
CA VAL B 48 -1.89 10.44 17.90
C VAL B 48 -1.16 10.79 16.60
N VAL B 49 -1.43 11.98 16.07
CA VAL B 49 -0.87 12.41 14.79
C VAL B 49 0.03 13.58 15.02
N ARG B 50 1.30 13.42 14.66
CA ARG B 50 2.32 14.44 14.87
C ARG B 50 3.16 14.64 13.63
N GLN B 51 3.54 15.90 13.37
CA GLN B 51 4.36 16.25 12.24
C GLN B 51 5.46 17.16 12.67
N SER B 52 6.66 16.95 12.10
CA SER B 52 7.79 17.85 12.34
C SER B 52 8.71 17.86 11.14
N ASP B 53 9.33 19.02 10.87
CA ASP B 53 10.40 19.14 9.86
C ASP B 53 11.75 18.75 10.41
N SER B 54 11.82 18.50 11.73
CA SER B 54 13.09 18.17 12.38
C SER B 54 13.34 16.67 12.49
N GLU B 55 14.41 16.22 11.86
CA GLU B 55 14.85 14.85 12.03
C GLU B 55 15.03 14.45 13.50
N ALA B 56 15.66 15.31 14.29
CA ALA B 56 15.85 14.98 15.70
C ALA B 56 14.51 14.78 16.42
N GLN B 57 13.53 15.62 16.10
CA GLN B 57 12.19 15.47 16.71
C GLN B 57 11.53 14.15 16.33
N LEU B 58 11.65 13.79 15.07
CA LEU B 58 11.08 12.53 14.58
C LEU B 58 11.74 11.35 15.26
N LEU B 59 13.07 11.41 15.42
CA LEU B 59 13.77 10.34 16.14
C LEU B 59 13.29 10.18 17.59
N ASP B 60 13.06 11.30 18.26
CA ASP B 60 12.53 11.27 19.63
C ASP B 60 11.16 10.62 19.66
N TRP B 61 10.29 10.98 18.73
CA TRP B 61 8.98 10.36 18.71
C TRP B 61 9.01 8.87 18.40
N ILE B 62 9.90 8.45 17.50
CA ILE B 62 10.02 7.03 17.18
C ILE B 62 10.57 6.25 18.38
N HIS B 63 11.62 6.77 19.05
CA HIS B 63 12.17 6.11 20.25
C HIS B 63 11.08 5.95 21.30
N GLN B 64 10.25 6.98 21.45
CA GLN B 64 9.14 6.96 22.39
C GLN B 64 8.08 5.92 22.04
N ALA B 65 7.75 5.79 20.75
CA ALA B 65 6.90 4.71 20.32
C ALA B 65 7.48 3.33 20.56
N ALA B 66 8.79 3.19 20.43
CA ALA B 66 9.48 1.94 20.72
C ALA B 66 9.33 1.61 22.18
N ASP B 67 9.59 2.57 23.06
CA ASP B 67 9.50 2.33 24.50
C ASP B 67 8.06 2.03 24.92
N ALA B 68 7.10 2.66 24.27
CA ALA B 68 5.68 2.45 24.55
C ALA B 68 5.09 1.22 23.86
N ALA B 69 5.87 0.58 22.98
CA ALA B 69 5.42 -0.60 22.21
C ALA B 69 4.12 -0.31 21.42
N GLU B 70 4.06 0.87 20.81
CA GLU B 70 2.92 1.28 20.03
C GLU B 70 3.20 1.18 18.55
N PRO B 71 2.20 0.79 17.76
CA PRO B 71 2.38 0.83 16.32
C PRO B 71 2.63 2.24 15.79
N VAL B 72 3.34 2.28 14.67
CA VAL B 72 3.68 3.53 13.98
C VAL B 72 3.29 3.44 12.49
N ILE B 73 2.58 4.46 12.03
CA ILE B 73 2.42 4.77 10.64
C ILE B 73 3.35 5.95 10.40
N LEU B 74 4.32 5.76 9.50
CA LEU B 74 5.35 6.78 9.24
C LEU B 74 5.39 7.25 7.79
N ASN B 75 5.25 8.56 7.55
CA ASN B 75 5.57 9.16 6.27
C ASN B 75 6.75 10.06 6.52
N ALA B 76 7.95 9.57 6.18
CA ALA B 76 9.19 10.27 6.47
C ALA B 76 9.32 11.57 5.67
N GLY B 77 8.50 11.77 4.64
CA GLY B 77 8.50 13.04 3.90
C GLY B 77 9.87 13.24 3.27
N GLY B 78 10.45 14.43 3.41
CA GLY B 78 11.74 14.70 2.80
C GLY B 78 12.89 13.88 3.34
N LEU B 79 12.67 13.17 4.44
CA LEU B 79 13.72 12.25 4.98
C LEU B 79 13.70 10.82 4.41
N THR B 80 12.72 10.53 3.54
CA THR B 80 12.52 9.19 2.99
C THR B 80 13.77 8.59 2.39
N HIS B 81 14.45 9.37 1.57
CA HIS B 81 15.61 8.85 0.87
C HIS B 81 16.93 9.26 1.52
N THR B 82 16.90 9.82 2.73
CA THR B 82 18.06 10.53 3.28
C THR B 82 18.41 10.34 4.74
N SER B 83 17.71 9.53 5.50
CA SER B 83 18.06 9.39 6.91
C SER B 83 18.22 7.97 7.34
N VAL B 84 19.48 7.56 7.48
CA VAL B 84 19.83 6.26 8.02
C VAL B 84 19.35 6.22 9.49
N ALA B 85 19.51 7.35 10.19
CA ALA B 85 19.19 7.38 11.62
C ALA B 85 17.74 7.03 11.87
N LEU B 86 16.88 7.52 10.98
CA LEU B 86 15.47 7.23 11.06
CA LEU B 86 15.45 7.21 11.07
C LEU B 86 15.22 5.72 10.93
N ARG B 87 15.89 5.08 9.97
CA ARG B 87 15.75 3.62 9.84
C ARG B 87 16.22 2.90 11.10
N ASN B 88 17.38 3.28 11.62
CA ASN B 88 17.88 2.65 12.83
C ASN B 88 16.93 2.78 13.99
N ALA B 89 16.34 3.96 14.11
CA ALA B 89 15.35 4.16 15.16
C ALA B 89 14.15 3.25 14.97
N CYS B 90 13.66 3.19 13.73
CA CYS B 90 12.52 2.35 13.44
C CYS B 90 12.78 0.86 13.63
N ALA B 91 14.04 0.45 13.47
CA ALA B 91 14.44 -0.94 13.66
C ALA B 91 14.22 -1.43 15.08
N GLU B 92 14.10 -0.51 16.02
CA GLU B 92 13.88 -0.85 17.42
C GLU B 92 12.40 -0.94 17.81
N LEU B 93 11.50 -0.60 16.89
CA LEU B 93 10.06 -0.73 17.12
C LEU B 93 9.67 -2.19 17.21
N SER B 94 8.93 -2.56 18.25
CA SER B 94 8.48 -3.97 18.38
C SER B 94 7.09 -4.20 17.78
N ALA B 95 6.25 -3.17 17.85
CA ALA B 95 4.93 -3.21 17.25
C ALA B 95 5.04 -2.89 15.74
N PRO B 96 3.97 -3.16 14.98
CA PRO B 96 4.06 -2.96 13.55
C PRO B 96 4.44 -1.53 13.14
N LEU B 97 5.15 -1.43 12.01
CA LEU B 97 5.51 -0.19 11.38
C LEU B 97 4.98 -0.20 9.96
N ILE B 98 4.14 0.77 9.61
CA ILE B 98 3.62 0.87 8.26
C ILE B 98 4.15 2.17 7.64
N GLU B 99 4.86 2.06 6.53
CA GLU B 99 5.33 3.22 5.78
C GLU B 99 4.23 3.64 4.82
N VAL B 100 3.93 4.94 4.82
CA VAL B 100 2.93 5.51 3.95
C VAL B 100 3.53 6.68 3.19
N HIS B 101 3.32 6.72 1.87
CA HIS B 101 3.59 7.90 1.08
C HIS B 101 2.34 8.20 0.27
N ILE B 102 2.02 9.48 0.17
CA ILE B 102 0.87 9.96 -0.56
C ILE B 102 1.05 9.72 -2.06
N SER B 103 2.23 10.08 -2.55
CA SER B 103 2.61 9.88 -3.95
C SER B 103 3.29 8.52 -4.18
N ASN B 104 3.30 8.06 -5.43
CA ASN B 104 3.97 6.82 -5.74
C ASN B 104 5.42 7.14 -5.95
N VAL B 105 6.20 6.97 -4.88
CA VAL B 105 7.61 7.34 -4.86
C VAL B 105 8.43 6.57 -5.89
N HIS B 106 7.97 5.39 -6.27
CA HIS B 106 8.66 4.59 -7.30
C HIS B 106 8.51 5.17 -8.70
N ALA B 107 7.47 5.97 -8.90
CA ALA B 107 7.22 6.60 -10.21
C ALA B 107 7.97 7.92 -10.40
N ARG B 108 8.09 8.70 -9.32
CA ARG B 108 8.49 10.12 -9.46
C ARG B 108 10.00 10.33 -9.60
N GLU B 109 10.79 9.78 -8.67
CA GLU B 109 12.18 10.21 -8.52
C GLU B 109 13.19 9.10 -8.17
N GLU B 110 12.85 7.84 -8.40
CA GLU B 110 13.77 6.77 -8.03
C GLU B 110 14.60 6.34 -9.27
N PHE B 111 15.87 6.78 -9.25
CA PHE B 111 16.91 6.44 -10.25
C PHE B 111 17.91 5.57 -9.48
N ARG B 112 18.61 6.16 -8.51
CA ARG B 112 19.50 5.43 -7.59
C ARG B 112 18.83 5.20 -6.23
N ARG B 113 18.25 6.26 -5.68
CA ARG B 113 17.83 6.27 -4.29
C ARG B 113 16.55 5.47 -4.03
N HIS B 114 16.56 4.83 -2.84
CA HIS B 114 15.52 3.92 -2.36
CA HIS B 114 15.41 4.04 -2.40
C HIS B 114 15.12 4.34 -0.94
N SER B 115 13.89 4.04 -0.52
CA SER B 115 13.49 4.30 0.86
C SER B 115 14.29 3.46 1.86
N TYR B 116 14.92 4.11 2.85
CA TYR B 116 15.65 3.37 3.90
C TYR B 116 14.72 2.47 4.75
N LEU B 117 13.50 2.95 4.97
CA LEU B 117 12.56 2.30 5.85
CA LEU B 117 12.54 2.32 5.84
C LEU B 117 11.93 1.04 5.26
N SER B 118 11.76 0.99 3.95
CA SER B 118 10.94 -0.10 3.36
C SER B 118 11.32 -1.52 3.76
N PRO B 119 12.63 -1.85 3.76
CA PRO B 119 13.09 -3.21 4.14
C PRO B 119 12.75 -3.67 5.57
N ILE B 120 12.57 -2.73 6.50
CA ILE B 120 12.33 -3.09 7.90
C ILE B 120 10.88 -2.80 8.35
N ALA B 121 10.10 -2.18 7.48
CA ALA B 121 8.69 -1.95 7.77
C ALA B 121 7.93 -3.28 7.72
N THR B 122 6.83 -3.33 8.47
CA THR B 122 5.85 -4.39 8.32
C THR B 122 5.34 -4.42 6.90
N GLY B 123 4.89 -3.25 6.45
CA GLY B 123 4.45 -3.08 5.10
C GLY B 123 4.47 -1.63 4.71
N VAL B 124 4.11 -1.40 3.46
CA VAL B 124 4.26 -0.12 2.80
C VAL B 124 3.03 0.14 1.93
N ILE B 125 2.52 1.35 1.98
CA ILE B 125 1.45 1.81 1.09
C ILE B 125 1.94 3.09 0.45
N VAL B 126 2.04 3.12 -0.88
CA VAL B 126 2.43 4.30 -1.63
C VAL B 126 1.48 4.57 -2.76
N GLY B 127 1.27 5.85 -3.05
CA GLY B 127 0.58 6.26 -4.25
C GLY B 127 -0.92 6.32 -4.13
N LEU B 128 -1.46 6.04 -2.95
CA LEU B 128 -2.92 6.01 -2.73
C LEU B 128 -3.51 7.26 -2.12
N GLY B 129 -2.72 8.34 -2.12
CA GLY B 129 -3.15 9.61 -1.59
C GLY B 129 -3.31 9.54 -0.10
N ILE B 130 -4.03 10.52 0.44
CA ILE B 130 -4.20 10.54 1.89
C ILE B 130 -5.02 9.37 2.43
N GLN B 131 -5.81 8.69 1.59
CA GLN B 131 -6.50 7.49 1.99
C GLN B 131 -5.52 6.42 2.47
N GLY B 132 -4.26 6.46 2.01
CA GLY B 132 -3.29 5.49 2.47
C GLY B 132 -3.14 5.45 3.99
N TYR B 133 -3.27 6.60 4.64
CA TYR B 133 -3.21 6.64 6.10
C TYR B 133 -4.38 5.88 6.75
N LEU B 134 -5.55 6.02 6.15
CA LEU B 134 -6.76 5.40 6.64
C LEU B 134 -6.71 3.88 6.43
N LEU B 135 -6.16 3.50 5.29
CA LEU B 135 -5.93 2.09 4.96
C LEU B 135 -4.96 1.42 5.95
N ALA B 136 -3.88 2.14 6.28
CA ALA B 136 -2.94 1.65 7.27
C ALA B 136 -3.62 1.51 8.62
N LEU B 137 -4.48 2.45 8.99
CA LEU B 137 -5.23 2.29 10.24
C LEU B 137 -6.09 1.05 10.23
N ARG B 138 -6.78 0.79 9.12
CA ARG B 138 -7.61 -0.41 9.01
C ARG B 138 -6.80 -1.66 9.18
N TYR B 139 -5.60 -1.68 8.61
CA TYR B 139 -4.74 -2.84 8.82
C TYR B 139 -4.47 -3.05 10.31
N LEU B 140 -4.05 -1.97 10.97
CA LEU B 140 -3.72 -2.06 12.39
C LEU B 140 -4.89 -2.49 13.27
N ALA B 141 -6.08 -1.98 12.97
CA ALA B 141 -7.28 -2.34 13.71
C ALA B 141 -7.55 -3.84 13.63
N GLU B 142 -7.33 -4.42 12.46
CA GLU B 142 -7.61 -5.82 12.22
C GLU B 142 -6.50 -6.71 12.73
N HIS B 143 -5.34 -6.14 12.98
CA HIS B 143 -4.19 -6.92 13.41
C HIS B 143 -3.78 -6.74 14.88
N VAL B 144 -4.36 -5.75 15.55
CA VAL B 144 -4.34 -5.64 17.03
C VAL B 144 -4.99 -4.33 17.49
#